data_8HCZ
#
_entry.id   8HCZ
#
_cell.length_a   66.924
_cell.length_b   72.595
_cell.length_c   90.800
_cell.angle_alpha   90.00
_cell.angle_beta   90.00
_cell.angle_gamma   90.00
#
_symmetry.space_group_name_H-M   'P 21 21 21'
#
loop_
_entity.id
_entity.type
_entity.pdbx_description
1 polymer 'Long-chain-fatty-acid--AMP ligase FadD23'
2 water water
#
_entity_poly.entity_id   1
_entity_poly.type   'polypeptide(L)'
_entity_poly.pdbx_seq_one_letter_code
;MGSSHHHHHHSSGLVPRGSHMMVSLSIPSMLRQCVNLHPDGTAFTYIDYERDSEGISESLTWSQVYRRTLNVAAEVRRHA
AIGDRAVILAPQGLDYIVAFLGALQAGLIAVPLSAPLGGASDERVDAVVRDAKPNVVLTTSAIMGDVVPRVTPPPGIASP
PTVAVDQLDLDSPIRSNIVDDSLQTTAYLQYTSGSTRTPAGVMITYKNILANFQQMISAYFADTGAVPPLDLFIMSWLPF
YHDMGLVLGVCAPIIVGCGAVLTSPVAFLQRPARWLQLMAREGQAFSAAPNFAFELTAAKAIDDDLAGLDLGRIKTILCG
SERVHPATLKRFVDRFSRFNLREFAIRPAYGLAEATVYVATSQAGQPPEIRYFEPHELSAGQAKPCATGAGTALVSYPLP
QSPIVRIVDPNTNTECPPGTIGEIWVHGDNVAGGYWEKPDETERTFGGALVAPSAGTPVGPWLRTGDSGFVSEDKFFIIG
RIKDLL
;
_entity_poly.pdbx_strand_id   A
#
# COMPACT_ATOMS: atom_id res chain seq x y z
N LEU A 25 -15.42 3.43 12.15
CA LEU A 25 -16.20 3.61 10.93
C LEU A 25 -15.46 4.28 9.75
N SER A 26 -14.68 5.32 10.02
CA SER A 26 -13.96 6.05 8.97
C SER A 26 -12.64 6.59 9.53
N ILE A 27 -11.72 6.91 8.61
CA ILE A 27 -10.43 7.45 9.02
C ILE A 27 -10.57 8.72 9.87
N PRO A 28 -11.36 9.72 9.49
CA PRO A 28 -11.53 10.88 10.38
C PRO A 28 -12.01 10.49 11.77
N SER A 29 -12.97 9.56 11.87
CA SER A 29 -13.44 9.19 13.20
C SER A 29 -12.36 8.46 13.97
N MET A 30 -11.55 7.65 13.29
CA MET A 30 -10.51 6.93 14.01
C MET A 30 -9.40 7.87 14.43
N LEU A 31 -9.12 8.90 13.65
CA LEU A 31 -8.10 9.88 14.06
C LEU A 31 -8.58 10.61 15.32
N ARG A 32 -9.86 10.98 15.32
CA ARG A 32 -10.43 11.65 16.51
C ARG A 32 -10.29 10.75 17.75
N GLN A 33 -10.46 9.47 17.56
CA GLN A 33 -10.32 8.55 18.71
C GLN A 33 -8.86 8.47 19.14
N CYS A 34 -7.94 8.49 18.17
CA CYS A 34 -6.54 8.50 18.55
C CYS A 34 -6.25 9.69 19.44
N VAL A 35 -6.79 10.86 19.07
CA VAL A 35 -6.59 12.07 19.87
C VAL A 35 -7.21 11.91 21.25
N ASN A 36 -8.40 11.33 21.32
CA ASN A 36 -9.05 11.16 22.61
C ASN A 36 -8.22 10.26 23.52
N LEU A 37 -7.64 9.21 22.95
CA LEU A 37 -6.99 8.20 23.78
C LEU A 37 -5.55 8.57 24.11
N HIS A 38 -4.83 9.19 23.17
CA HIS A 38 -3.39 9.42 23.33
C HIS A 38 -3.02 10.72 22.66
N PRO A 39 -3.53 11.86 23.16
CA PRO A 39 -3.35 13.13 22.43
C PRO A 39 -1.89 13.50 22.26
N ASP A 40 -1.04 13.11 23.21
CA ASP A 40 0.35 13.51 23.22
C ASP A 40 1.29 12.42 22.73
N GLY A 41 0.73 11.30 22.24
CA GLY A 41 1.55 10.28 21.62
C GLY A 41 2.05 10.73 20.27
N THR A 42 3.27 10.32 19.90
CA THR A 42 3.80 10.73 18.60
C THR A 42 3.12 9.91 17.51
N ALA A 43 2.58 10.61 16.50
CA ALA A 43 1.84 9.97 15.42
C ALA A 43 2.66 9.80 14.14
N PHE A 44 3.31 10.86 13.67
CA PHE A 44 4.07 10.84 12.45
C PHE A 44 5.39 11.54 12.70
N THR A 45 6.48 10.89 12.27
CA THR A 45 7.81 11.48 12.26
C THR A 45 8.31 11.38 10.84
N TYR A 46 8.63 12.51 10.24
CA TYR A 46 9.16 12.57 8.90
C TYR A 46 10.65 12.94 8.96
N ILE A 47 11.49 12.18 8.26
CA ILE A 47 12.93 12.40 8.26
C ILE A 47 13.34 12.91 6.89
N ASP A 48 13.90 14.12 6.84
CA ASP A 48 14.37 14.73 5.61
C ASP A 48 15.90 14.69 5.63
N TYR A 49 16.49 14.15 4.57
CA TYR A 49 17.94 14.03 4.46
C TYR A 49 18.55 15.06 3.53
N GLU A 50 17.76 16.01 3.02
CA GLU A 50 18.29 16.97 2.06
C GLU A 50 19.33 17.88 2.69
N ARG A 51 19.13 18.28 3.94
CA ARG A 51 20.00 19.29 4.52
C ARG A 51 21.05 18.70 5.43
N ASP A 52 20.93 17.45 5.80
CA ASP A 52 21.89 16.80 6.69
C ASP A 52 21.79 15.33 6.40
N SER A 53 22.88 14.74 5.96
CA SER A 53 22.88 13.34 5.61
C SER A 53 22.55 12.44 6.83
N GLU A 54 22.57 12.98 8.05
CA GLU A 54 22.10 12.23 9.21
C GLU A 54 20.56 12.27 9.40
N GLY A 55 19.88 13.15 8.69
CA GLY A 55 18.43 13.25 8.75
C GLY A 55 17.99 14.29 9.73
N ILE A 56 17.04 15.12 9.32
CA ILE A 56 16.36 16.07 10.21
C ILE A 56 14.95 15.56 10.43
N SER A 57 14.60 15.28 11.69
CA SER A 57 13.27 14.81 12.03
C SER A 57 12.32 15.96 12.27
N GLU A 58 11.07 15.80 11.84
CA GLU A 58 9.96 16.65 12.27
C GLU A 58 8.81 15.73 12.66
N SER A 59 8.29 15.88 13.87
CA SER A 59 7.26 14.98 14.35
C SER A 59 6.01 15.73 14.77
N LEU A 60 4.89 15.01 14.70
CA LEU A 60 3.61 15.50 15.16
C LEU A 60 2.98 14.48 16.09
N THR A 61 2.41 14.95 17.20
CA THR A 61 1.57 14.08 18.02
C THR A 61 0.19 13.91 17.37
N TRP A 62 -0.62 13.04 17.98
CA TRP A 62 -1.98 12.87 17.47
C TRP A 62 -2.75 14.18 17.55
N SER A 63 -2.63 14.90 18.67
CA SER A 63 -3.35 16.17 18.79
C SER A 63 -2.85 17.17 17.75
N GLN A 64 -1.52 17.22 17.51
CA GLN A 64 -1.00 18.17 16.52
C GLN A 64 -1.50 17.85 15.10
N VAL A 65 -1.45 16.56 14.72
CA VAL A 65 -1.87 16.24 13.36
C VAL A 65 -3.37 16.46 13.19
N TYR A 66 -4.16 16.15 14.23
CA TYR A 66 -5.59 16.38 14.15
C TYR A 66 -5.92 17.86 13.98
N ARG A 67 -5.27 18.72 14.76
CA ARG A 67 -5.47 20.17 14.59
C ARG A 67 -5.12 20.62 13.18
N ARG A 68 -3.99 20.16 12.64
CA ARG A 68 -3.66 20.56 11.28
C ARG A 68 -4.73 20.10 10.30
N THR A 69 -5.20 18.87 10.46
CA THR A 69 -6.25 18.33 9.62
C THR A 69 -7.53 19.16 9.69
N LEU A 70 -7.92 19.60 10.88
CA LEU A 70 -9.10 20.45 11.02
C LEU A 70 -8.91 21.78 10.32
N ASN A 71 -7.70 22.35 10.41
CA ASN A 71 -7.46 23.61 9.70
C ASN A 71 -7.46 23.42 8.18
N VAL A 72 -6.94 22.30 7.67
CA VAL A 72 -7.07 22.07 6.23
C VAL A 72 -8.52 21.91 5.83
N ALA A 73 -9.29 21.14 6.61
CA ALA A 73 -10.70 20.91 6.31
C ALA A 73 -11.48 22.21 6.24
N ALA A 74 -11.19 23.13 7.16
CA ALA A 74 -11.88 24.42 7.15
C ALA A 74 -11.57 25.19 5.87
N GLU A 75 -10.32 25.12 5.41
CA GLU A 75 -9.95 25.79 4.17
C GLU A 75 -10.61 25.14 2.96
N VAL A 76 -10.60 23.79 2.89
CA VAL A 76 -11.10 23.17 1.67
C VAL A 76 -12.61 23.39 1.53
N ARG A 77 -13.34 23.44 2.66
CA ARG A 77 -14.77 23.72 2.61
C ARG A 77 -15.10 25.09 1.99
N ARG A 78 -14.17 26.03 2.00
CA ARG A 78 -14.42 27.30 1.32
C ARG A 78 -14.49 27.13 -0.19
N HIS A 79 -13.93 26.05 -0.73
CA HIS A 79 -13.78 25.87 -2.16
C HIS A 79 -14.55 24.71 -2.74
N ALA A 80 -14.98 23.75 -1.92
CA ALA A 80 -15.50 22.51 -2.47
C ALA A 80 -16.58 22.00 -1.53
N ALA A 81 -17.52 21.24 -2.10
CA ALA A 81 -18.65 20.68 -1.40
C ALA A 81 -18.38 19.23 -1.06
N ILE A 82 -19.16 18.71 -0.09
CA ILE A 82 -19.10 17.31 0.27
C ILE A 82 -19.26 16.46 -0.99
N GLY A 83 -18.37 15.48 -1.12
CA GLY A 83 -18.40 14.59 -2.27
C GLY A 83 -17.62 15.06 -3.48
N ASP A 84 -17.15 16.31 -3.48
CA ASP A 84 -16.27 16.76 -4.55
C ASP A 84 -14.92 16.06 -4.40
N ARG A 85 -14.15 16.02 -5.47
CA ARG A 85 -12.80 15.50 -5.41
C ARG A 85 -11.80 16.60 -5.08
N ALA A 86 -10.80 16.21 -4.30
CA ALA A 86 -9.67 17.06 -3.90
C ALA A 86 -8.41 16.36 -4.36
N VAL A 87 -7.74 16.90 -5.39
CA VAL A 87 -6.46 16.32 -5.81
C VAL A 87 -5.34 16.81 -4.92
N ILE A 88 -4.43 15.89 -4.55
CA ILE A 88 -3.26 16.23 -3.77
C ILE A 88 -2.02 16.09 -4.65
N LEU A 89 -1.31 17.22 -4.84
CA LEU A 89 -0.07 17.27 -5.61
C LEU A 89 0.91 17.93 -4.66
N ALA A 90 1.66 17.13 -3.93
CA ALA A 90 2.56 17.64 -2.91
C ALA A 90 3.74 16.70 -2.83
N PRO A 91 4.91 17.19 -2.44
CA PRO A 91 6.04 16.27 -2.21
C PRO A 91 5.73 15.37 -1.01
N GLN A 92 6.49 14.28 -0.93
CA GLN A 92 6.45 13.42 0.25
C GLN A 92 6.73 14.29 1.47
N GLY A 93 5.93 14.14 2.52
CA GLY A 93 6.16 14.84 3.76
C GLY A 93 4.89 15.02 4.56
N LEU A 94 5.01 15.77 5.64
CA LEU A 94 3.88 15.96 6.56
C LEU A 94 2.76 16.79 5.93
N ASP A 95 3.08 17.70 5.00
CA ASP A 95 2.01 18.46 4.35
C ASP A 95 1.13 17.55 3.50
N TYR A 96 1.73 16.56 2.82
CA TYR A 96 0.93 15.58 2.06
C TYR A 96 -0.07 14.89 2.98
N ILE A 97 0.40 14.45 4.15
CA ILE A 97 -0.43 13.70 5.08
C ILE A 97 -1.61 14.54 5.56
N VAL A 98 -1.37 15.81 5.93
CA VAL A 98 -2.47 16.61 6.43
C VAL A 98 -3.40 17.05 5.31
N ALA A 99 -2.87 17.24 4.10
CA ALA A 99 -3.74 17.50 2.93
C ALA A 99 -4.70 16.34 2.71
N PHE A 100 -4.18 15.10 2.72
CA PHE A 100 -5.02 13.93 2.49
C PHE A 100 -6.04 13.78 3.63
N LEU A 101 -5.58 13.85 4.89
CA LEU A 101 -6.51 13.67 6.01
C LEU A 101 -7.51 14.81 6.08
N GLY A 102 -7.06 16.05 5.77
CA GLY A 102 -7.97 17.18 5.78
C GLY A 102 -9.05 17.10 4.71
N ALA A 103 -8.70 16.58 3.52
CA ALA A 103 -9.72 16.34 2.50
C ALA A 103 -10.77 15.38 3.02
N LEU A 104 -10.33 14.26 3.63
CA LEU A 104 -11.29 13.27 4.16
C LEU A 104 -12.14 13.89 5.26
N GLN A 105 -11.54 14.72 6.10
CA GLN A 105 -12.26 15.34 7.22
C GLN A 105 -13.38 16.24 6.73
N ALA A 106 -13.17 16.88 5.58
CA ALA A 106 -14.14 17.76 4.98
C ALA A 106 -15.18 17.03 4.11
N GLY A 107 -15.10 15.72 4.04
CA GLY A 107 -16.03 14.97 3.22
C GLY A 107 -15.75 15.03 1.74
N LEU A 108 -14.51 15.30 1.35
CA LEU A 108 -14.11 15.30 -0.04
C LEU A 108 -13.52 13.93 -0.34
N ILE A 109 -13.61 13.54 -1.61
CA ILE A 109 -12.99 12.31 -2.09
C ILE A 109 -11.57 12.68 -2.49
N ALA A 110 -10.59 12.22 -1.71
CA ALA A 110 -9.20 12.62 -1.97
C ALA A 110 -8.67 11.88 -3.20
N VAL A 111 -7.78 12.55 -3.93
CA VAL A 111 -7.13 11.93 -5.08
C VAL A 111 -5.62 12.12 -4.92
N PRO A 112 -4.92 11.18 -4.27
CA PRO A 112 -3.48 11.34 -4.04
C PRO A 112 -2.70 11.14 -5.33
N LEU A 113 -1.94 12.16 -5.71
CA LEU A 113 -1.05 12.11 -6.86
C LEU A 113 0.38 12.50 -6.44
N SER A 114 1.30 12.39 -7.39
CA SER A 114 2.68 12.82 -7.16
C SER A 114 2.85 14.31 -7.44
N ALA A 115 3.92 14.89 -6.90
CA ALA A 115 4.25 16.24 -7.34
C ALA A 115 4.59 16.18 -8.83
N PRO A 116 4.39 17.27 -9.56
CA PRO A 116 4.74 17.26 -10.99
C PRO A 116 6.24 17.03 -11.17
N LEU A 117 6.58 15.98 -11.94
CA LEU A 117 7.96 15.55 -12.17
C LEU A 117 8.44 15.71 -13.61
N GLY A 118 7.57 16.14 -14.53
CA GLY A 118 7.92 16.25 -15.94
C GLY A 118 7.59 15.00 -16.75
N GLY A 119 7.82 15.15 -18.04
CA GLY A 119 7.67 14.00 -18.93
C GLY A 119 6.28 13.40 -18.94
N ALA A 120 6.25 12.10 -19.03
CA ALA A 120 4.97 11.37 -19.03
C ALA A 120 4.27 11.63 -17.71
N SER A 121 5.02 11.68 -16.62
CA SER A 121 4.42 11.86 -15.28
C SER A 121 3.46 13.07 -15.28
N ASP A 122 3.81 14.15 -15.97
CA ASP A 122 2.95 15.35 -16.03
C ASP A 122 1.74 15.07 -16.92
N GLU A 123 1.93 14.33 -18.00
CA GLU A 123 0.71 14.08 -18.77
C GLU A 123 -0.21 13.10 -18.06
N ARG A 124 0.34 12.19 -17.23
CA ARG A 124 -0.53 11.39 -16.38
C ARG A 124 -1.32 12.28 -15.44
N VAL A 125 -0.66 13.25 -14.81
CA VAL A 125 -1.33 14.15 -13.87
C VAL A 125 -2.46 14.89 -14.56
N ASP A 126 -2.18 15.45 -15.74
CA ASP A 126 -3.20 16.19 -16.45
C ASP A 126 -4.41 15.31 -16.74
N ALA A 127 -4.15 14.07 -17.19
CA ALA A 127 -5.26 13.17 -17.51
C ALA A 127 -6.06 12.79 -16.26
N VAL A 128 -5.38 12.57 -15.13
CA VAL A 128 -6.11 12.27 -13.91
C VAL A 128 -6.96 13.46 -13.49
N VAL A 129 -6.41 14.67 -13.56
CA VAL A 129 -7.17 15.84 -13.16
C VAL A 129 -8.41 16.02 -14.04
N ARG A 130 -8.27 15.81 -15.36
CA ARG A 130 -9.45 15.90 -16.20
C ARG A 130 -10.47 14.79 -15.91
N ASP A 131 -10.01 13.64 -15.41
CA ASP A 131 -10.93 12.55 -15.09
C ASP A 131 -11.65 12.77 -13.77
N ALA A 132 -10.90 13.20 -12.75
CA ALA A 132 -11.47 13.34 -11.42
C ALA A 132 -12.22 14.65 -11.22
N LYS A 133 -11.98 15.64 -12.08
CA LYS A 133 -12.66 16.93 -12.03
C LYS A 133 -12.70 17.55 -10.63
N PRO A 134 -11.54 17.70 -9.99
CA PRO A 134 -11.52 18.19 -8.60
C PRO A 134 -11.99 19.63 -8.53
N ASN A 135 -12.61 19.95 -7.40
CA ASN A 135 -12.98 21.34 -7.13
C ASN A 135 -12.00 22.03 -6.19
N VAL A 136 -10.97 21.34 -5.74
CA VAL A 136 -9.88 21.97 -5.02
C VAL A 136 -8.62 21.15 -5.28
N VAL A 137 -7.47 21.83 -5.33
CA VAL A 137 -6.16 21.23 -5.47
C VAL A 137 -5.35 21.57 -4.24
N LEU A 138 -4.84 20.56 -3.57
CA LEU A 138 -4.03 20.78 -2.37
C LEU A 138 -2.57 20.55 -2.70
N THR A 139 -1.74 21.54 -2.42
CA THR A 139 -0.34 21.46 -2.81
C THR A 139 0.50 22.18 -1.74
N THR A 140 1.76 22.47 -2.06
CA THR A 140 2.60 23.26 -1.17
C THR A 140 3.17 24.43 -1.95
N SER A 141 3.62 25.44 -1.21
CA SER A 141 4.08 26.67 -1.84
C SER A 141 5.34 26.43 -2.66
N ALA A 142 6.17 25.45 -2.25
CA ALA A 142 7.43 25.18 -2.95
C ALA A 142 7.19 24.75 -4.39
N ILE A 143 6.15 23.95 -4.63
CA ILE A 143 5.89 23.43 -5.97
C ILE A 143 4.69 24.09 -6.62
N MET A 144 4.14 25.14 -6.02
CA MET A 144 2.90 25.76 -6.50
C MET A 144 3.02 26.17 -7.95
N GLY A 145 4.16 26.73 -8.33
CA GLY A 145 4.35 27.16 -9.71
C GLY A 145 4.38 26.01 -10.70
N ASP A 146 4.86 24.85 -10.27
CA ASP A 146 4.80 23.65 -11.10
C ASP A 146 3.41 23.02 -11.15
N VAL A 147 2.58 23.27 -10.13
CA VAL A 147 1.27 22.62 -10.05
C VAL A 147 0.23 23.37 -10.90
N VAL A 148 0.29 24.70 -10.88
CA VAL A 148 -0.80 25.51 -11.50
C VAL A 148 -1.04 25.16 -12.98
N PRO A 149 0.00 25.03 -13.83
CA PRO A 149 -0.23 24.58 -15.21
C PRO A 149 -0.90 23.19 -15.31
N ARG A 150 -0.75 22.34 -14.30
CA ARG A 150 -1.23 20.94 -14.38
C ARG A 150 -2.71 20.84 -14.03
N VAL A 151 -3.25 21.93 -13.49
CA VAL A 151 -4.64 21.91 -13.05
C VAL A 151 -5.47 22.98 -13.73
N SER A 159 -8.01 26.31 -13.14
CA SER A 159 -9.27 26.89 -12.68
C SER A 159 -9.81 26.45 -11.30
N PRO A 160 -9.65 25.18 -10.88
CA PRO A 160 -9.97 24.85 -9.50
C PRO A 160 -9.04 25.62 -8.58
N PRO A 161 -9.55 26.14 -7.47
CA PRO A 161 -8.66 26.82 -6.51
C PRO A 161 -7.56 25.87 -6.05
N THR A 162 -6.36 26.42 -5.93
CA THR A 162 -5.18 25.66 -5.53
C THR A 162 -4.73 26.22 -4.18
N VAL A 163 -4.67 25.34 -3.18
CA VAL A 163 -4.40 25.72 -1.79
C VAL A 163 -2.99 25.26 -1.44
N ALA A 164 -2.11 26.20 -1.05
CA ALA A 164 -0.79 25.88 -0.54
C ALA A 164 -0.93 25.53 0.94
N VAL A 165 -0.91 24.22 1.23
CA VAL A 165 -1.25 23.76 2.57
C VAL A 165 -0.27 24.29 3.60
N ASP A 166 1.01 24.38 3.25
CA ASP A 166 2.01 24.84 4.21
C ASP A 166 1.86 26.32 4.50
N GLN A 167 1.16 27.07 3.65
CA GLN A 167 0.95 28.48 3.91
C GLN A 167 -0.31 28.77 4.71
N LEU A 168 -1.10 27.74 5.02
CA LEU A 168 -2.19 27.92 5.96
C LEU A 168 -1.64 27.99 7.38
N ASP A 169 -2.47 28.49 8.30
CA ASP A 169 -2.07 28.55 9.71
C ASP A 169 -2.45 27.21 10.33
N LEU A 170 -1.63 26.20 10.03
CA LEU A 170 -2.02 24.82 10.31
C LEU A 170 -2.11 24.54 11.80
N ASP A 171 -1.33 25.26 12.61
CA ASP A 171 -1.28 25.01 14.05
C ASP A 171 -2.10 26.01 14.85
N SER A 172 -3.03 26.69 14.20
CA SER A 172 -3.94 27.62 14.93
C SER A 172 -5.02 26.80 15.67
N PRO A 173 -5.30 27.13 16.93
CA PRO A 173 -6.34 26.44 17.67
C PRO A 173 -7.68 26.48 16.92
N ILE A 174 -8.46 25.39 16.97
CA ILE A 174 -9.69 25.25 16.13
C ILE A 174 -10.60 24.17 16.73
N ASP A 180 -18.79 15.89 12.09
CA ASP A 180 -18.04 16.61 11.05
C ASP A 180 -18.65 16.33 9.67
N ASP A 181 -17.95 16.70 8.60
CA ASP A 181 -18.51 16.58 7.27
C ASP A 181 -18.04 15.34 6.54
N SER A 182 -17.34 14.43 7.22
CA SER A 182 -16.77 13.33 6.48
C SER A 182 -17.84 12.42 5.92
N LEU A 183 -17.48 11.70 4.87
CA LEU A 183 -18.35 10.65 4.36
C LEU A 183 -18.11 9.37 5.16
N GLN A 184 -19.03 8.42 5.01
CA GLN A 184 -18.86 7.09 5.58
C GLN A 184 -18.59 6.06 4.51
N THR A 185 -18.57 6.46 3.23
CA THR A 185 -18.44 5.53 2.12
C THR A 185 -17.15 5.84 1.38
N THR A 186 -17.19 6.56 0.25
CA THR A 186 -16.01 6.72 -0.59
C THR A 186 -15.01 7.65 0.09
N ALA A 187 -13.77 7.16 0.24
CA ALA A 187 -12.73 7.93 0.89
C ALA A 187 -11.82 8.58 -0.14
N TYR A 188 -11.33 7.80 -1.11
CA TYR A 188 -10.37 8.34 -2.06
C TYR A 188 -10.41 7.54 -3.35
N LEU A 189 -9.81 8.12 -4.38
CA LEU A 189 -9.61 7.45 -5.66
C LEU A 189 -8.14 7.11 -5.81
N GLN A 190 -7.83 5.86 -6.16
CA GLN A 190 -6.44 5.43 -6.37
C GLN A 190 -6.24 5.21 -7.87
N TYR A 191 -5.52 6.13 -8.49
CA TYR A 191 -5.14 5.95 -9.90
C TYR A 191 -3.74 5.33 -9.87
N THR A 192 -3.34 4.70 -10.95
CA THR A 192 -2.02 4.01 -11.04
C THR A 192 -1.93 3.23 -12.34
N THR A 198 -5.30 4.82 -20.05
CA THR A 198 -6.50 5.66 -19.79
C THR A 198 -6.71 5.66 -18.29
N PRO A 199 -6.58 6.81 -17.61
CA PRO A 199 -6.67 6.83 -16.15
C PRO A 199 -7.97 6.28 -15.60
N ALA A 200 -7.84 5.27 -14.75
CA ALA A 200 -9.04 4.74 -14.09
C ALA A 200 -8.82 4.83 -12.58
N GLY A 201 -9.70 5.54 -11.93
CA GLY A 201 -9.55 5.76 -10.49
C GLY A 201 -10.30 4.73 -9.67
N VAL A 202 -9.55 3.89 -8.98
CA VAL A 202 -10.18 2.89 -8.13
C VAL A 202 -10.87 3.60 -6.98
N MET A 203 -12.18 3.37 -6.81
CA MET A 203 -12.91 3.94 -5.69
C MET A 203 -12.65 3.11 -4.44
N ILE A 204 -12.05 3.72 -3.42
CA ILE A 204 -11.77 3.01 -2.18
C ILE A 204 -12.68 3.57 -1.09
N THR A 205 -13.52 2.70 -0.50
CA THR A 205 -14.39 3.11 0.59
C THR A 205 -13.74 2.83 1.95
N TYR A 206 -14.31 3.45 2.97
CA TYR A 206 -13.93 3.10 4.33
C TYR A 206 -14.16 1.62 4.62
N LYS A 207 -15.27 1.05 4.11
CA LYS A 207 -15.50 -0.38 4.29
C LYS A 207 -14.40 -1.18 3.63
N ASN A 208 -13.95 -0.78 2.44
CA ASN A 208 -12.85 -1.50 1.79
C ASN A 208 -11.61 -1.47 2.67
N ILE A 209 -11.23 -0.28 3.12
CA ILE A 209 -10.03 -0.08 3.93
C ILE A 209 -10.12 -0.87 5.21
N LEU A 210 -11.22 -0.73 5.94
CA LEU A 210 -11.34 -1.41 7.22
C LEU A 210 -11.35 -2.92 7.02
N ALA A 211 -12.03 -3.41 5.97
CA ALA A 211 -12.03 -4.85 5.72
C ALA A 211 -10.62 -5.33 5.43
N ASN A 212 -9.88 -4.58 4.60
CA ASN A 212 -8.52 -5.02 4.26
C ASN A 212 -7.62 -4.98 5.50
N PHE A 213 -7.80 -3.98 6.39
CA PHE A 213 -7.00 -4.00 7.62
C PHE A 213 -7.36 -5.16 8.52
N GLN A 214 -8.65 -5.53 8.60
CA GLN A 214 -8.99 -6.72 9.39
C GLN A 214 -8.30 -7.94 8.79
N GLN A 215 -8.32 -8.06 7.46
CA GLN A 215 -7.66 -9.21 6.81
C GLN A 215 -6.16 -9.19 7.06
N MET A 216 -5.53 -8.03 6.91
CA MET A 216 -4.09 -7.92 7.10
C MET A 216 -3.71 -8.18 8.55
N ILE A 217 -4.43 -7.58 9.50
CA ILE A 217 -4.03 -7.78 10.90
C ILE A 217 -4.18 -9.26 11.27
N SER A 218 -5.26 -9.89 10.78
CA SER A 218 -5.46 -11.30 11.10
C SER A 218 -4.37 -12.16 10.52
N ALA A 219 -3.90 -11.86 9.30
CA ALA A 219 -2.88 -12.69 8.64
C ALA A 219 -1.48 -12.37 9.13
N TYR A 220 -1.12 -11.08 9.19
CA TYR A 220 0.23 -10.71 9.58
C TYR A 220 0.50 -11.08 11.04
N PHE A 221 -0.51 -10.96 11.90
CA PHE A 221 -0.35 -11.15 13.33
C PHE A 221 -1.09 -12.40 13.81
N ALA A 222 -1.29 -13.38 12.94
CA ALA A 222 -2.03 -14.58 13.33
C ALA A 222 -1.38 -15.31 14.49
N ASP A 223 -0.06 -15.29 14.57
CA ASP A 223 0.63 -16.00 15.64
C ASP A 223 0.53 -15.30 16.99
N THR A 224 0.00 -14.07 17.03
CA THR A 224 -0.31 -13.42 18.30
C THR A 224 -1.78 -13.10 18.38
N GLY A 225 -2.63 -13.95 17.83
CA GLY A 225 -4.07 -13.77 18.03
C GLY A 225 -4.63 -12.53 17.40
N ALA A 226 -4.00 -12.03 16.34
CA ALA A 226 -4.40 -10.85 15.61
C ALA A 226 -4.22 -9.57 16.43
N VAL A 227 -3.35 -9.59 17.44
CA VAL A 227 -3.05 -8.42 18.27
C VAL A 227 -1.64 -7.96 17.91
N PRO A 228 -1.47 -6.74 17.37
CA PRO A 228 -0.12 -6.23 17.14
C PRO A 228 0.58 -5.97 18.46
N PRO A 229 1.91 -6.01 18.47
CA PRO A 229 2.63 -5.77 19.73
C PRO A 229 2.49 -4.33 20.20
N LEU A 230 2.67 -4.15 21.52
CA LEU A 230 2.49 -2.83 22.13
C LEU A 230 3.38 -1.77 21.52
N ASP A 231 4.59 -2.16 21.10
CA ASP A 231 5.58 -1.21 20.62
C ASP A 231 5.78 -1.31 19.12
N LEU A 232 4.79 -1.82 18.39
CA LEU A 232 4.84 -1.72 16.93
C LEU A 232 4.98 -0.26 16.51
N PHE A 233 5.72 -0.06 15.43
CA PHE A 233 5.70 1.22 14.73
C PHE A 233 5.78 0.93 13.25
N ILE A 234 5.26 1.84 12.45
CA ILE A 234 5.35 1.70 11.00
C ILE A 234 6.57 2.44 10.51
N MET A 235 7.29 1.86 9.58
CA MET A 235 8.39 2.55 8.92
C MET A 235 8.18 2.41 7.42
N SER A 236 8.15 3.54 6.71
CA SER A 236 7.96 3.47 5.27
C SER A 236 8.68 4.62 4.58
N TRP A 237 9.32 4.31 3.46
CA TRP A 237 9.80 5.32 2.52
C TRP A 237 8.99 5.29 1.23
N LEU A 238 7.96 4.44 1.16
CA LEU A 238 7.23 4.29 -0.09
C LEU A 238 6.45 5.56 -0.42
N PRO A 239 6.34 5.92 -1.68
CA PRO A 239 5.66 7.17 -2.03
C PRO A 239 4.18 7.11 -1.65
N PHE A 240 3.66 8.22 -1.13
CA PHE A 240 2.26 8.25 -0.71
C PHE A 240 1.28 8.16 -1.89
N TYR A 241 1.75 8.37 -3.11
CA TYR A 241 0.88 8.26 -4.30
C TYR A 241 0.86 6.86 -4.90
N HIS A 242 1.48 5.90 -4.22
CA HIS A 242 1.27 4.47 -4.51
C HIS A 242 0.37 3.87 -3.44
N ASP A 243 -0.42 2.87 -3.85
CA ASP A 243 -1.35 2.22 -2.92
C ASP A 243 -0.67 1.80 -1.62
N MET A 244 0.44 1.04 -1.71
CA MET A 244 1.02 0.55 -0.47
C MET A 244 1.61 1.68 0.34
N GLY A 245 2.15 2.71 -0.33
CA GLY A 245 2.72 3.81 0.42
C GLY A 245 1.67 4.63 1.15
N LEU A 246 0.49 4.82 0.53
CA LEU A 246 -0.60 5.54 1.18
C LEU A 246 -1.18 4.69 2.31
N VAL A 247 -1.47 3.42 2.03
CA VAL A 247 -2.16 2.61 3.03
C VAL A 247 -1.25 2.38 4.24
N LEU A 248 0.02 2.05 4.00
CA LEU A 248 0.95 1.80 5.11
C LEU A 248 1.39 3.09 5.81
N GLY A 249 1.75 4.11 5.04
CA GLY A 249 2.40 5.27 5.62
C GLY A 249 1.44 6.26 6.24
N VAL A 250 0.25 6.37 5.68
CA VAL A 250 -0.69 7.41 6.06
C VAL A 250 -1.89 6.82 6.82
N CYS A 251 -2.47 5.74 6.29
CA CYS A 251 -3.70 5.20 6.90
C CYS A 251 -3.43 4.27 8.08
N ALA A 252 -2.49 3.35 7.93
CA ALA A 252 -2.21 2.37 8.96
C ALA A 252 -1.90 2.99 10.35
N PRO A 253 -1.15 4.07 10.49
CA PRO A 253 -0.90 4.57 11.85
C PRO A 253 -2.19 4.89 12.56
N ILE A 254 -3.16 5.43 11.85
CA ILE A 254 -4.43 5.79 12.46
C ILE A 254 -5.24 4.55 12.76
N ILE A 255 -5.28 3.59 11.81
CA ILE A 255 -6.17 2.44 11.95
C ILE A 255 -5.62 1.46 12.97
N VAL A 256 -4.31 1.21 12.94
CA VAL A 256 -3.67 0.36 13.93
C VAL A 256 -3.47 1.10 15.25
N GLY A 257 -3.25 2.41 15.20
CA GLY A 257 -3.03 3.22 16.40
C GLY A 257 -1.60 3.15 16.89
N CYS A 258 -0.66 3.42 16.02
CA CYS A 258 0.76 3.41 16.37
C CYS A 258 1.43 4.51 15.55
N GLY A 259 2.63 4.86 15.93
CA GLY A 259 3.33 5.91 15.23
C GLY A 259 3.98 5.40 13.96
N ALA A 260 4.32 6.33 13.10
CA ALA A 260 5.00 6.02 11.85
C ALA A 260 6.28 6.84 11.75
N VAL A 261 7.31 6.22 11.19
CA VAL A 261 8.57 6.86 10.85
C VAL A 261 8.69 6.79 9.34
N LEU A 262 8.74 7.98 8.70
CA LEU A 262 8.56 8.09 7.26
C LEU A 262 9.70 8.87 6.65
N THR A 263 10.07 8.51 5.43
CA THR A 263 10.98 9.31 4.65
C THR A 263 10.57 9.23 3.18
N SER A 264 11.41 9.72 2.29
CA SER A 264 11.00 9.75 0.89
C SER A 264 11.71 8.65 0.12
N PRO A 265 11.17 8.29 -1.06
CA PRO A 265 11.84 7.29 -1.88
C PRO A 265 13.22 7.74 -2.30
N VAL A 266 13.44 9.03 -2.58
CA VAL A 266 14.78 9.46 -3.00
C VAL A 266 15.78 9.28 -1.86
N ALA A 267 15.36 9.51 -0.61
CA ALA A 267 16.28 9.30 0.51
C ALA A 267 16.74 7.86 0.56
N PHE A 268 15.81 6.92 0.32
CA PHE A 268 16.17 5.51 0.30
C PHE A 268 17.14 5.22 -0.83
N LEU A 269 16.80 5.68 -2.05
CA LEU A 269 17.65 5.36 -3.20
C LEU A 269 19.04 5.94 -3.03
N GLN A 270 19.16 7.13 -2.43
CA GLN A 270 20.46 7.76 -2.22
C GLN A 270 21.36 6.92 -1.35
N ARG A 271 20.78 6.26 -0.32
CA ARG A 271 21.57 5.59 0.70
C ARG A 271 20.72 4.46 1.31
N PRO A 272 20.72 3.28 0.69
CA PRO A 272 19.72 2.28 1.08
C PRO A 272 19.82 1.83 2.52
N ALA A 273 21.00 1.95 3.16
CA ALA A 273 21.05 1.55 4.56
C ALA A 273 20.09 2.35 5.42
N ARG A 274 19.66 3.54 4.97
CA ARG A 274 18.72 4.33 5.77
C ARG A 274 17.45 3.54 6.07
N TRP A 275 17.04 2.66 5.16
CA TRP A 275 15.85 1.85 5.45
C TRP A 275 16.07 0.97 6.68
N LEU A 276 17.23 0.31 6.77
CA LEU A 276 17.53 -0.54 7.91
C LEU A 276 17.75 0.29 9.17
N GLN A 277 18.43 1.44 9.07
CA GLN A 277 18.62 2.31 10.23
C GLN A 277 17.29 2.73 10.83
N LEU A 278 16.33 3.10 10.00
CA LEU A 278 15.06 3.59 10.52
C LEU A 278 14.21 2.45 11.06
N MET A 279 14.26 1.27 10.43
CA MET A 279 13.57 0.12 11.00
C MET A 279 14.16 -0.30 12.34
N ALA A 280 15.43 0.02 12.59
CA ALA A 280 16.08 -0.39 13.82
C ALA A 280 15.83 0.56 14.97
N ARG A 281 15.04 1.62 14.77
CA ARG A 281 14.63 2.47 15.87
C ARG A 281 13.84 1.69 16.93
N GLU A 282 13.74 2.29 18.11
CA GLU A 282 13.11 1.63 19.24
C GLU A 282 11.70 1.13 18.90
N GLY A 283 11.40 -0.11 19.30
CA GLY A 283 10.12 -0.74 19.02
C GLY A 283 10.31 -1.82 17.96
N GLN A 284 9.18 -2.32 17.48
CA GLN A 284 9.11 -3.44 16.53
C GLN A 284 8.59 -2.89 15.20
N ALA A 285 9.50 -2.76 14.23
CA ALA A 285 9.14 -2.07 12.99
C ALA A 285 8.24 -2.94 12.10
N PHE A 286 7.30 -2.28 11.42
CA PHE A 286 6.48 -2.90 10.37
C PHE A 286 6.71 -2.08 9.11
N SER A 287 7.30 -2.69 8.07
CA SER A 287 7.65 -1.97 6.87
C SER A 287 7.26 -2.79 5.64
N ALA A 288 7.57 -2.25 4.44
CA ALA A 288 7.15 -2.87 3.18
C ALA A 288 8.01 -2.30 2.07
N ALA A 289 8.28 -3.12 1.04
CA ALA A 289 8.94 -2.58 -0.13
C ALA A 289 8.76 -3.58 -1.27
N PRO A 290 8.97 -3.13 -2.51
CA PRO A 290 8.97 -4.06 -3.64
C PRO A 290 10.26 -4.88 -3.71
N ASN A 291 10.20 -5.95 -4.51
CA ASN A 291 11.35 -6.83 -4.67
C ASN A 291 12.61 -6.06 -5.03
N PHE A 292 12.51 -5.10 -5.96
CA PHE A 292 13.74 -4.43 -6.39
C PHE A 292 14.46 -3.77 -5.22
N ALA A 293 13.71 -3.32 -4.22
CA ALA A 293 14.35 -2.59 -3.13
C ALA A 293 15.01 -3.55 -2.16
N PHE A 294 14.49 -4.78 -2.01
CA PHE A 294 15.21 -5.78 -1.26
C PHE A 294 16.55 -6.07 -1.93
N GLU A 295 16.53 -6.20 -3.26
CA GLU A 295 17.76 -6.47 -3.99
C GLU A 295 18.74 -5.32 -3.85
N LEU A 296 18.25 -4.09 -4.01
CA LEU A 296 19.12 -2.91 -3.97
C LEU A 296 19.74 -2.76 -2.59
N THR A 297 18.95 -3.00 -1.54
CA THR A 297 19.47 -2.86 -0.19
C THR A 297 20.54 -3.92 0.07
N ALA A 298 20.26 -5.16 -0.29
CA ALA A 298 21.28 -6.19 -0.14
C ALA A 298 22.56 -5.85 -0.92
N ALA A 299 22.42 -5.34 -2.14
CA ALA A 299 23.58 -5.11 -2.99
C ALA A 299 24.33 -3.81 -2.64
N LYS A 300 23.62 -2.80 -2.10
CA LYS A 300 24.17 -1.43 -2.01
C LYS A 300 24.15 -0.80 -0.63
N ALA A 301 23.42 -1.33 0.36
CA ALA A 301 23.59 -0.77 1.71
C ALA A 301 25.04 -0.92 2.15
N ILE A 302 25.59 0.14 2.71
CA ILE A 302 27.00 0.16 3.08
C ILE A 302 27.16 -0.37 4.50
N ASP A 303 28.08 -1.33 4.68
CA ASP A 303 28.31 -1.96 5.99
C ASP A 303 28.55 -0.94 7.11
N ASP A 304 29.37 0.07 6.88
CA ASP A 304 29.64 1.02 7.95
C ASP A 304 28.39 1.77 8.41
N ASP A 305 27.40 1.96 7.52
CA ASP A 305 26.14 2.59 7.89
C ASP A 305 25.33 1.68 8.81
N LEU A 306 25.62 0.38 8.79
CA LEU A 306 24.89 -0.61 9.59
C LEU A 306 25.56 -0.93 10.91
N ALA A 307 26.74 -0.37 11.17
CA ALA A 307 27.48 -0.77 12.36
C ALA A 307 26.65 -0.60 13.61
N GLY A 308 26.56 -1.69 14.40
CA GLY A 308 25.85 -1.63 15.65
C GLY A 308 24.34 -1.72 15.56
N LEU A 309 23.77 -1.86 14.37
CA LEU A 309 22.32 -1.97 14.28
C LEU A 309 21.86 -3.34 14.76
N ASP A 310 20.73 -3.36 15.45
CA ASP A 310 20.10 -4.60 15.88
C ASP A 310 18.78 -4.67 15.12
N LEU A 311 18.70 -5.56 14.12
CA LEU A 311 17.49 -5.75 13.32
C LEU A 311 16.58 -6.82 13.90
N GLY A 312 16.90 -7.36 15.06
CA GLY A 312 16.16 -8.49 15.62
C GLY A 312 14.79 -8.13 16.19
N ARG A 313 14.44 -6.85 16.27
CA ARG A 313 13.13 -6.42 16.70
C ARG A 313 12.19 -6.11 15.54
N ILE A 314 12.69 -6.12 14.30
CA ILE A 314 11.80 -5.89 13.16
C ILE A 314 10.73 -6.96 13.17
N LYS A 315 9.47 -6.52 13.18
CA LYS A 315 8.32 -7.42 13.21
C LYS A 315 7.99 -7.98 11.84
N THR A 316 7.87 -7.11 10.85
CA THR A 316 7.39 -7.53 9.52
C THR A 316 8.05 -6.62 8.50
N ILE A 317 8.58 -7.19 7.42
CA ILE A 317 8.90 -6.45 6.22
C ILE A 317 8.13 -7.14 5.09
N LEU A 318 7.10 -6.45 4.56
CA LEU A 318 6.37 -7.03 3.44
C LEU A 318 7.20 -6.89 2.20
N CYS A 319 7.13 -7.88 1.31
CA CYS A 319 7.72 -7.77 -0.02
C CYS A 319 6.56 -7.85 -0.99
N GLY A 320 6.26 -6.74 -1.64
CA GLY A 320 5.08 -6.77 -2.48
C GLY A 320 5.02 -5.63 -3.46
N SER A 321 3.99 -5.70 -4.33
CA SER A 321 3.67 -4.86 -5.49
C SER A 321 4.40 -5.27 -6.77
N GLU A 322 5.38 -6.16 -6.68
CA GLU A 322 6.09 -6.71 -7.82
C GLU A 322 6.22 -8.20 -7.55
N ARG A 323 6.43 -8.98 -8.61
CA ARG A 323 6.73 -10.40 -8.40
C ARG A 323 7.89 -10.58 -7.44
N VAL A 324 7.70 -11.47 -6.48
CA VAL A 324 8.68 -11.69 -5.43
C VAL A 324 9.64 -12.77 -5.89
N HIS A 325 10.94 -12.46 -5.93
CA HIS A 325 11.94 -13.40 -6.39
C HIS A 325 12.55 -14.10 -5.20
N PRO A 326 12.39 -15.40 -5.05
CA PRO A 326 13.04 -16.09 -3.93
C PRO A 326 14.54 -15.81 -3.83
N ALA A 327 15.25 -15.68 -4.96
CA ALA A 327 16.69 -15.44 -4.85
C ALA A 327 16.99 -14.11 -4.20
N THR A 328 16.12 -13.11 -4.40
CA THR A 328 16.31 -11.81 -3.78
C THR A 328 16.08 -11.88 -2.28
N LEU A 329 15.02 -12.58 -1.87
CA LEU A 329 14.76 -12.75 -0.44
C LEU A 329 15.92 -13.45 0.24
N LYS A 330 16.51 -14.45 -0.42
CA LYS A 330 17.63 -15.16 0.19
C LYS A 330 18.86 -14.28 0.31
N ARG A 331 19.17 -13.50 -0.74
CA ARG A 331 20.34 -12.62 -0.63
C ARG A 331 20.15 -11.61 0.50
N PHE A 332 18.94 -11.06 0.64
CA PHE A 332 18.63 -10.07 1.67
C PHE A 332 18.78 -10.68 3.06
N VAL A 333 18.15 -11.84 3.31
CA VAL A 333 18.23 -12.45 4.65
C VAL A 333 19.63 -12.98 4.93
N ASP A 334 20.30 -13.51 3.92
CA ASP A 334 21.64 -14.04 4.19
C ASP A 334 22.56 -12.92 4.64
N ARG A 335 22.39 -11.71 4.07
CA ARG A 335 23.24 -10.61 4.50
C ARG A 335 22.79 -10.08 5.85
N PHE A 336 21.50 -9.78 5.99
CA PHE A 336 21.08 -8.99 7.14
C PHE A 336 20.77 -9.83 8.37
N SER A 337 20.74 -11.15 8.21
CA SER A 337 20.68 -11.99 9.42
C SER A 337 21.91 -11.80 10.30
N ARG A 338 23.04 -11.34 9.74
CA ARG A 338 24.22 -11.05 10.56
C ARG A 338 24.00 -9.87 11.50
N PHE A 339 22.98 -9.06 11.27
CA PHE A 339 22.54 -8.01 12.16
C PHE A 339 21.30 -8.40 12.90
N ASN A 340 21.02 -9.71 12.98
CA ASN A 340 19.93 -10.29 13.77
C ASN A 340 18.57 -10.22 13.08
N LEU A 341 18.47 -9.82 11.80
CA LEU A 341 17.17 -9.91 11.13
C LEU A 341 16.68 -11.36 11.15
N ARG A 342 15.39 -11.55 11.50
CA ARG A 342 14.82 -12.88 11.56
C ARG A 342 14.16 -13.23 10.22
N GLU A 343 14.35 -14.46 9.74
CA GLU A 343 13.76 -14.79 8.45
C GLU A 343 12.24 -14.79 8.46
N PHE A 344 11.62 -15.04 9.61
CA PHE A 344 10.15 -15.01 9.66
C PHE A 344 9.61 -13.58 9.65
N ALA A 345 10.45 -12.56 9.76
CA ALA A 345 9.99 -11.20 9.59
C ALA A 345 9.65 -10.87 8.14
N ILE A 346 10.20 -11.61 7.20
CA ILE A 346 9.99 -11.32 5.76
C ILE A 346 8.68 -11.98 5.31
N ARG A 347 7.76 -11.14 4.85
CA ARG A 347 6.44 -11.63 4.45
C ARG A 347 6.11 -11.23 3.02
N PRO A 348 6.29 -12.16 2.08
CA PRO A 348 5.82 -11.90 0.75
C PRO A 348 4.32 -11.55 0.81
N ALA A 349 3.94 -10.59 0.00
CA ALA A 349 2.55 -10.10 0.01
C ALA A 349 2.06 -9.86 -1.42
N TYR A 350 0.95 -10.48 -1.77
CA TYR A 350 0.35 -10.31 -3.07
C TYR A 350 -0.88 -9.43 -2.92
N GLY A 351 -1.04 -8.48 -3.85
CA GLY A 351 -2.24 -7.66 -3.88
C GLY A 351 -2.22 -6.73 -5.06
N LEU A 352 -3.21 -5.83 -5.06
CA LEU A 352 -3.35 -4.85 -6.12
C LEU A 352 -4.32 -3.78 -5.65
N ALA A 353 -4.25 -2.61 -6.29
CA ALA A 353 -5.04 -1.46 -5.84
C ALA A 353 -6.53 -1.73 -5.90
N GLU A 354 -6.96 -2.57 -6.86
CA GLU A 354 -8.38 -2.88 -7.00
C GLU A 354 -8.88 -3.70 -5.83
N ALA A 355 -7.98 -4.26 -5.00
CA ALA A 355 -8.32 -4.98 -3.79
C ALA A 355 -7.90 -4.20 -2.54
N THR A 356 -7.82 -2.87 -2.67
CA THR A 356 -7.31 -1.94 -1.67
C THR A 356 -5.78 -2.06 -1.62
N VAL A 357 -5.26 -3.13 -1.01
CA VAL A 357 -3.86 -3.43 -1.13
C VAL A 357 -3.53 -4.91 -0.96
N TYR A 358 -4.18 -5.59 -0.04
CA TYR A 358 -3.80 -6.94 0.34
C TYR A 358 -4.77 -7.97 -0.23
N VAL A 359 -4.18 -9.05 -0.73
CA VAL A 359 -4.89 -10.28 -1.09
C VAL A 359 -4.38 -11.50 -0.33
N ALA A 360 -3.04 -11.67 -0.26
CA ALA A 360 -2.49 -12.87 0.37
C ALA A 360 -1.08 -12.64 0.91
N THR A 361 -0.69 -13.42 1.90
CA THR A 361 0.66 -13.34 2.45
C THR A 361 1.05 -14.71 3.01
N SER A 362 2.31 -14.83 3.36
CA SER A 362 2.86 -16.07 3.89
C SER A 362 2.32 -16.34 5.30
N GLN A 363 2.50 -17.59 5.75
CA GLN A 363 2.09 -17.98 7.11
C GLN A 363 2.86 -17.22 8.18
N ALA A 364 2.14 -16.61 9.12
CA ALA A 364 2.78 -15.91 10.23
C ALA A 364 3.62 -16.87 11.07
N GLY A 365 4.82 -16.44 11.43
CA GLY A 365 5.66 -17.21 12.33
C GLY A 365 6.61 -18.16 11.62
N GLN A 366 6.61 -18.18 10.28
CA GLN A 366 7.51 -19.02 9.53
C GLN A 366 8.19 -18.19 8.46
N PRO A 367 9.38 -18.59 8.02
CA PRO A 367 9.99 -17.95 6.87
C PRO A 367 9.18 -18.23 5.62
N PRO A 368 9.43 -17.50 4.54
CA PRO A 368 8.71 -17.77 3.29
C PRO A 368 8.89 -19.23 2.87
N GLU A 369 7.81 -19.82 2.34
CA GLU A 369 7.83 -21.17 1.82
C GLU A 369 8.08 -21.07 0.31
N ILE A 370 9.14 -21.74 -0.15
CA ILE A 370 9.51 -21.72 -1.59
C ILE A 370 9.30 -23.12 -2.18
N ARG A 371 8.65 -23.15 -3.34
CA ARG A 371 8.47 -24.44 -4.03
C ARG A 371 9.05 -24.33 -5.43
N TYR A 372 9.30 -25.49 -6.03
CA TYR A 372 10.01 -25.52 -7.32
C TYR A 372 9.19 -26.23 -8.38
N PHE A 373 9.23 -25.67 -9.57
CA PHE A 373 8.37 -26.17 -10.65
C PHE A 373 9.11 -26.26 -11.98
N GLU A 374 8.73 -27.22 -12.79
CA GLU A 374 9.41 -27.40 -14.06
C GLU A 374 9.08 -26.25 -15.01
N PRO A 375 10.09 -25.60 -15.59
CA PRO A 375 9.79 -24.41 -16.40
C PRO A 375 9.12 -24.70 -17.72
N HIS A 376 9.42 -25.83 -18.38
CA HIS A 376 8.76 -26.11 -19.65
C HIS A 376 7.26 -26.30 -19.44
N GLU A 377 6.90 -26.99 -18.37
CA GLU A 377 5.48 -27.18 -18.09
C GLU A 377 4.80 -25.86 -17.71
N LEU A 378 5.48 -25.00 -16.92
CA LEU A 378 4.88 -23.69 -16.63
C LEU A 378 4.58 -22.92 -17.91
N SER A 379 5.51 -22.93 -18.87
CA SER A 379 5.25 -22.24 -20.13
C SER A 379 4.06 -22.83 -20.87
N ALA A 380 3.82 -24.13 -20.69
CA ALA A 380 2.68 -24.79 -21.32
C ALA A 380 1.42 -24.71 -20.46
N GLY A 381 1.45 -24.01 -19.32
CA GLY A 381 0.27 -23.78 -18.55
C GLY A 381 0.00 -24.75 -17.43
N GLN A 382 0.99 -25.55 -17.02
CA GLN A 382 0.84 -26.57 -15.99
C GLN A 382 1.94 -26.46 -14.96
N ALA A 383 1.57 -26.68 -13.70
CA ALA A 383 2.51 -26.67 -12.59
C ALA A 383 2.89 -28.11 -12.26
N LYS A 384 4.16 -28.44 -12.50
CA LYS A 384 4.68 -29.78 -12.25
C LYS A 384 5.83 -29.63 -11.27
N PRO A 385 5.71 -30.14 -10.04
CA PRO A 385 6.80 -29.93 -9.07
C PRO A 385 8.10 -30.54 -9.56
N CYS A 386 9.21 -29.94 -9.15
CA CYS A 386 10.53 -30.44 -9.49
C CYS A 386 11.43 -30.40 -8.26
N ALA A 387 12.61 -30.92 -8.43
CA ALA A 387 13.49 -31.04 -7.26
C ALA A 387 13.83 -29.66 -6.64
N THR A 388 14.00 -29.64 -5.32
CA THR A 388 14.33 -28.37 -4.60
C THR A 388 15.53 -27.67 -5.22
N GLY A 389 15.38 -26.40 -5.57
CA GLY A 389 16.51 -25.60 -6.09
C GLY A 389 16.52 -25.56 -7.59
N ALA A 390 15.92 -26.57 -8.19
CA ALA A 390 16.00 -26.66 -9.64
C ALA A 390 14.74 -26.07 -10.24
N GLY A 391 14.71 -26.02 -11.53
CA GLY A 391 13.55 -25.40 -12.12
C GLY A 391 13.31 -24.00 -11.55
N THR A 392 12.05 -23.60 -11.55
CA THR A 392 11.66 -22.23 -11.23
C THR A 392 11.21 -22.18 -9.78
N ALA A 393 11.89 -21.36 -8.97
CA ALA A 393 11.51 -21.18 -7.58
C ALA A 393 10.40 -20.16 -7.50
N LEU A 394 9.32 -20.48 -6.75
CA LEU A 394 8.22 -19.56 -6.56
C LEU A 394 7.83 -19.50 -5.08
N VAL A 395 7.41 -18.32 -4.63
CA VAL A 395 6.85 -18.23 -3.27
C VAL A 395 5.51 -18.95 -3.24
N SER A 396 5.30 -19.74 -2.17
CA SER A 396 4.08 -20.51 -1.97
C SER A 396 3.21 -19.78 -0.95
N TYR A 397 2.03 -19.32 -1.39
CA TYR A 397 1.18 -18.58 -0.45
C TYR A 397 0.07 -19.48 0.08
N PRO A 398 -0.22 -19.47 1.36
CA PRO A 398 -1.48 -20.08 1.80
C PRO A 398 -2.65 -19.45 1.06
N LEU A 399 -3.64 -20.27 0.67
CA LEU A 399 -4.85 -19.67 0.10
C LEU A 399 -5.52 -18.82 1.15
N PRO A 400 -5.80 -17.53 0.88
CA PRO A 400 -6.29 -16.67 1.96
C PRO A 400 -7.71 -17.03 2.33
N GLN A 401 -7.99 -16.85 3.60
CA GLN A 401 -9.36 -17.07 4.05
C GLN A 401 -10.24 -15.89 3.73
N SER A 402 -9.66 -14.69 3.58
CA SER A 402 -10.38 -13.48 3.27
C SER A 402 -9.36 -12.47 2.79
N PRO A 403 -9.47 -11.95 1.54
CA PRO A 403 -10.48 -12.30 0.55
C PRO A 403 -10.25 -13.70 0.05
N ILE A 404 -11.11 -14.18 -0.82
CA ILE A 404 -10.88 -15.49 -1.41
C ILE A 404 -10.35 -15.35 -2.84
N VAL A 405 -9.58 -16.36 -3.25
CA VAL A 405 -8.89 -16.38 -4.53
C VAL A 405 -9.33 -17.62 -5.27
N ARG A 406 -9.58 -17.46 -6.58
CA ARG A 406 -9.80 -18.60 -7.47
C ARG A 406 -8.93 -18.42 -8.71
N ILE A 407 -8.50 -19.53 -9.28
CA ILE A 407 -7.77 -19.55 -10.55
C ILE A 407 -8.79 -19.91 -11.62
N VAL A 408 -8.96 -19.05 -12.63
CA VAL A 408 -10.08 -19.16 -13.56
C VAL A 408 -9.60 -19.06 -15.00
N ASP A 409 -10.15 -19.90 -15.86
CA ASP A 409 -9.81 -19.82 -17.26
C ASP A 409 -10.43 -18.55 -17.83
N PRO A 410 -9.66 -17.61 -18.39
CA PRO A 410 -10.21 -16.30 -18.72
C PRO A 410 -11.07 -16.32 -19.94
N ASN A 411 -11.05 -17.40 -20.70
CA ASN A 411 -11.93 -17.48 -21.87
C ASN A 411 -13.24 -18.22 -21.60
N THR A 412 -13.29 -19.10 -20.60
CA THR A 412 -14.50 -19.88 -20.30
C THR A 412 -15.17 -19.49 -18.98
N ASN A 413 -14.52 -18.66 -18.17
CA ASN A 413 -15.10 -18.21 -16.92
C ASN A 413 -15.35 -19.36 -15.94
N THR A 414 -14.51 -20.39 -16.00
CA THR A 414 -14.67 -21.55 -15.16
C THR A 414 -13.37 -21.77 -14.39
N GLU A 415 -13.49 -22.16 -13.13
CA GLU A 415 -12.32 -22.44 -12.29
C GLU A 415 -11.43 -23.52 -12.93
N CYS A 416 -10.14 -23.29 -12.88
CA CYS A 416 -9.16 -24.27 -13.32
C CYS A 416 -8.99 -25.39 -12.29
N PRO A 417 -8.73 -26.61 -12.74
CA PRO A 417 -8.31 -27.67 -11.82
C PRO A 417 -6.98 -27.31 -11.17
N PRO A 418 -6.68 -27.88 -10.00
CA PRO A 418 -5.36 -27.67 -9.39
C PRO A 418 -4.27 -28.02 -10.38
N GLY A 419 -3.24 -27.19 -10.42
CA GLY A 419 -2.13 -27.38 -11.31
C GLY A 419 -2.24 -26.69 -12.63
N THR A 420 -3.42 -26.23 -13.04
CA THR A 420 -3.57 -25.56 -14.32
C THR A 420 -3.49 -24.05 -14.09
N ILE A 421 -2.69 -23.38 -14.91
CA ILE A 421 -2.52 -21.93 -14.79
C ILE A 421 -3.71 -21.22 -15.40
N GLY A 422 -4.20 -20.20 -14.70
CA GLY A 422 -5.27 -19.37 -15.21
C GLY A 422 -5.18 -17.98 -14.60
N GLU A 423 -6.25 -17.21 -14.69
CA GLU A 423 -6.26 -15.86 -14.15
C GLU A 423 -6.62 -15.92 -12.67
N ILE A 424 -5.97 -15.06 -11.88
CA ILE A 424 -6.32 -14.93 -10.48
C ILE A 424 -7.54 -14.02 -10.38
N TRP A 425 -8.64 -14.57 -9.83
CA TRP A 425 -9.84 -13.79 -9.53
C TRP A 425 -10.01 -13.66 -8.01
N VAL A 426 -10.52 -12.52 -7.54
CA VAL A 426 -10.56 -12.20 -6.12
C VAL A 426 -11.96 -11.76 -5.74
N HIS A 427 -12.41 -12.19 -4.56
CA HIS A 427 -13.72 -11.79 -4.04
C HIS A 427 -13.60 -11.47 -2.55
N GLY A 428 -14.18 -10.36 -2.14
CA GLY A 428 -14.13 -10.01 -0.72
C GLY A 428 -14.43 -8.54 -0.50
N ASP A 429 -14.65 -8.18 0.79
CA ASP A 429 -15.15 -6.83 1.07
C ASP A 429 -14.09 -5.75 0.87
N ASN A 430 -12.83 -6.13 0.72
CA ASN A 430 -11.78 -5.19 0.35
C ASN A 430 -11.73 -4.89 -1.14
N VAL A 431 -12.46 -5.66 -1.96
CA VAL A 431 -12.47 -5.43 -3.41
C VAL A 431 -13.29 -4.18 -3.67
N ALA A 432 -12.70 -3.25 -4.42
CA ALA A 432 -13.36 -1.98 -4.73
C ALA A 432 -14.63 -2.21 -5.55
N GLY A 433 -15.52 -1.21 -5.50
CA GLY A 433 -16.76 -1.32 -6.24
C GLY A 433 -16.66 -0.88 -7.67
N GLY A 434 -15.52 -0.34 -8.07
CA GLY A 434 -15.30 -0.03 -9.47
C GLY A 434 -14.35 1.12 -9.64
N TYR A 435 -14.25 1.58 -10.89
CA TYR A 435 -13.47 2.74 -11.28
C TYR A 435 -14.40 3.92 -11.45
N TRP A 436 -13.95 5.07 -10.97
CA TRP A 436 -14.75 6.29 -10.90
C TRP A 436 -15.30 6.68 -12.26
N GLU A 437 -16.63 6.70 -12.37
CA GLU A 437 -17.34 7.19 -13.57
C GLU A 437 -16.99 6.36 -14.80
N LYS A 438 -16.66 5.09 -14.61
CA LYS A 438 -16.30 4.19 -15.71
C LYS A 438 -17.13 2.92 -15.61
N PRO A 439 -18.42 2.97 -15.97
CA PRO A 439 -19.24 1.76 -15.84
C PRO A 439 -18.75 0.59 -16.67
N ASP A 440 -18.28 0.85 -17.88
CA ASP A 440 -17.91 -0.25 -18.76
C ASP A 440 -16.61 -0.92 -18.31
N GLU A 441 -15.58 -0.13 -18.02
CA GLU A 441 -14.33 -0.68 -17.50
C GLU A 441 -14.56 -1.37 -16.16
N THR A 442 -15.47 -0.83 -15.33
CA THR A 442 -15.83 -1.51 -14.09
C THR A 442 -16.38 -2.90 -14.36
N GLU A 443 -17.30 -3.03 -15.28
CA GLU A 443 -17.89 -4.35 -15.57
C GLU A 443 -16.80 -5.33 -16.02
N ARG A 444 -15.91 -4.88 -16.89
CA ARG A 444 -14.88 -5.79 -17.43
C ARG A 444 -13.91 -6.25 -16.34
N THR A 445 -13.53 -5.35 -15.44
CA THR A 445 -12.52 -5.70 -14.44
C THR A 445 -13.12 -6.29 -13.18
N PHE A 446 -14.27 -5.76 -12.73
CA PHE A 446 -14.84 -6.17 -11.47
C PHE A 446 -16.04 -7.10 -11.61
N GLY A 447 -16.47 -7.39 -12.85
CA GLY A 447 -17.70 -8.14 -13.04
C GLY A 447 -17.52 -9.57 -13.50
N GLY A 448 -16.41 -10.21 -13.11
CA GLY A 448 -16.25 -11.62 -13.41
C GLY A 448 -17.36 -12.46 -12.77
N ALA A 449 -17.83 -13.44 -13.52
CA ALA A 449 -18.91 -14.32 -13.06
C ALA A 449 -18.52 -15.75 -13.40
N LEU A 450 -18.56 -16.63 -12.41
CA LEU A 450 -18.14 -18.01 -12.60
C LEU A 450 -19.28 -18.86 -13.14
N VAL A 451 -18.94 -19.69 -14.13
CA VAL A 451 -19.82 -20.76 -14.61
C VAL A 451 -19.61 -21.97 -13.71
N ALA A 452 -20.72 -22.57 -13.25
CA ALA A 452 -20.70 -23.78 -12.44
C ALA A 452 -19.72 -23.68 -11.27
N PRO A 453 -19.87 -22.70 -10.39
CA PRO A 453 -18.91 -22.52 -9.30
C PRO A 453 -18.89 -23.71 -8.34
N SER A 454 -17.69 -24.00 -7.84
CA SER A 454 -17.51 -25.09 -6.89
C SER A 454 -18.20 -24.76 -5.58
N ALA A 455 -18.40 -25.79 -4.76
CA ALA A 455 -19.12 -25.62 -3.50
C ALA A 455 -18.46 -24.55 -2.65
N GLY A 456 -19.25 -23.59 -2.18
CA GLY A 456 -18.73 -22.51 -1.36
C GLY A 456 -18.17 -21.34 -2.12
N THR A 457 -18.21 -21.37 -3.42
CA THR A 457 -17.63 -20.31 -4.21
C THR A 457 -18.74 -19.42 -4.76
N PRO A 458 -18.67 -18.10 -4.55
CA PRO A 458 -19.71 -17.21 -5.08
C PRO A 458 -19.67 -17.15 -6.60
N VAL A 459 -20.83 -16.96 -7.20
CA VAL A 459 -20.86 -16.73 -8.65
C VAL A 459 -20.10 -15.47 -9.01
N GLY A 460 -20.28 -14.40 -8.25
CA GLY A 460 -19.66 -13.14 -8.54
C GLY A 460 -20.24 -12.03 -7.69
N PRO A 461 -19.85 -10.78 -7.96
CA PRO A 461 -18.85 -10.40 -8.97
C PRO A 461 -17.40 -10.61 -8.50
N TRP A 462 -16.53 -10.99 -9.43
CA TRP A 462 -15.12 -11.28 -9.15
C TRP A 462 -14.26 -10.21 -9.78
N LEU A 463 -13.25 -9.77 -9.01
CA LEU A 463 -12.18 -8.94 -9.55
C LEU A 463 -11.23 -9.80 -10.38
N ARG A 464 -11.13 -9.48 -11.68
CA ARG A 464 -10.19 -10.12 -12.59
C ARG A 464 -8.87 -9.35 -12.53
N THR A 465 -7.88 -9.95 -11.89
CA THR A 465 -6.63 -9.20 -11.61
C THR A 465 -5.74 -8.99 -12.84
N GLY A 466 -5.94 -9.77 -13.91
CA GLY A 466 -4.99 -9.81 -15.00
C GLY A 466 -3.73 -10.60 -14.70
N ASP A 467 -3.57 -11.08 -13.48
CA ASP A 467 -2.40 -11.87 -13.11
C ASP A 467 -2.65 -13.36 -13.35
N SER A 468 -1.60 -14.07 -13.75
CA SER A 468 -1.68 -15.50 -13.95
C SER A 468 -1.11 -16.24 -12.73
N GLY A 469 -1.70 -17.38 -12.41
CA GLY A 469 -1.21 -18.16 -11.29
C GLY A 469 -1.88 -19.51 -11.26
N PHE A 470 -1.65 -20.24 -10.19
CA PHE A 470 -2.17 -21.60 -10.08
C PHE A 470 -2.21 -21.99 -8.60
N VAL A 471 -2.95 -23.05 -8.35
CA VAL A 471 -2.98 -23.71 -7.06
C VAL A 471 -2.23 -25.04 -7.19
N SER A 472 -1.38 -25.36 -6.22
CA SER A 472 -0.67 -26.63 -6.25
C SER A 472 -0.53 -27.13 -4.83
N GLU A 473 -0.95 -28.38 -4.59
CA GLU A 473 -0.83 -29.01 -3.24
C GLU A 473 -1.42 -28.08 -2.19
N ASP A 474 -2.57 -27.48 -2.49
CA ASP A 474 -3.29 -26.55 -1.55
C ASP A 474 -2.54 -25.24 -1.23
N LYS A 475 -1.66 -24.80 -2.10
CA LYS A 475 -1.03 -23.46 -1.92
C LYS A 475 -1.27 -22.65 -3.19
N PHE A 476 -1.12 -21.35 -3.11
CA PHE A 476 -1.40 -20.44 -4.23
C PHE A 476 -0.08 -19.84 -4.77
N PHE A 477 0.02 -19.69 -6.08
CA PHE A 477 1.26 -19.19 -6.72
C PHE A 477 0.95 -18.14 -7.79
N ILE A 478 1.79 -17.12 -7.90
CA ILE A 478 1.63 -16.06 -8.92
C ILE A 478 2.80 -16.15 -9.91
N ILE A 479 2.49 -16.22 -11.20
CA ILE A 479 3.49 -16.43 -12.24
C ILE A 479 3.79 -15.17 -13.02
N GLY A 480 2.77 -14.42 -13.40
CA GLY A 480 2.99 -13.39 -14.38
C GLY A 480 1.67 -12.75 -14.70
N ARG A 481 1.48 -12.39 -15.97
CA ARG A 481 0.27 -11.72 -16.42
C ARG A 481 -0.42 -12.61 -17.44
N ILE A 482 -1.75 -12.64 -17.40
CA ILE A 482 -2.45 -13.56 -18.31
C ILE A 482 -2.28 -13.18 -19.76
N LYS A 483 -2.07 -11.89 -20.06
CA LYS A 483 -1.85 -11.51 -21.46
C LYS A 483 -0.70 -12.30 -22.06
N ASP A 484 0.18 -12.84 -21.21
CA ASP A 484 1.37 -13.53 -21.78
C ASP A 484 1.22 -15.06 -21.89
#